data_7R7Z
#
_entry.id   7R7Z
#
_cell.length_a   43.156
_cell.length_b   59.381
_cell.length_c   82.675
_cell.angle_alpha   90.000
_cell.angle_beta   90.490
_cell.angle_gamma   90.000
#
_symmetry.space_group_name_H-M   'P 1 21 1'
#
loop_
_entity.id
_entity.type
_entity.pdbx_description
1 polymer 'Alpha chain of C3 TCR'
2 polymer 'Beta chain of C3 TCR'
3 non-polymer 'SULFATE ION'
4 non-polymer 'HEXAETHYLENE GLYCOL'
5 water water
#
loop_
_entity_poly.entity_id
_entity_poly.type
_entity_poly.pdbx_seq_one_letter_code
_entity_poly.pdbx_strand_id
1 'polypeptide(L)'
;MKQEVTQIPAALSVPEGENLVLNCSFTDSAIYNLQWFRQDPGKGLTSLLLIQSSQREQTSGRLNASLDKSSGRSTLYIAA
SQPGDSATYLCAQLNQAGTALIFGKGTTLSVSSNIQNPDPAVYQLRDSKSSDKSVCLFTDFDSQTNVSQSKDSDVYITDK
CVLDMRSMDFKSNSAVAWSNKSDFACANAFNNSIIPEDTFFPSPESSS
;
A
2 'polypeptide(L)'
;MNAGVTQTPKFQVLKTGQSMTLQCAQDMNHEYMSWYRQDPGMGLRLIHYSVGAGITDQGEVPNGYNVSRSTTEDFPLRLL
SAAPSQTSVYFCASSYGTGINYGYTFGSGTRLTVVEDLNKVFPPEVAVFEPSEAEISHTQKATLVCLATGFFPDHVELSW
WVNGKEVHSGVCTDPQPLKEQPALNDSRYALSSRLRVSATFWQNPRNHFRCQVQFYGLSENDEWTQDRAKPVTQIVSAEA
WGRADS
;
B
#
loop_
_chem_comp.id
_chem_comp.type
_chem_comp.name
_chem_comp.formula
P6G non-polymer 'HEXAETHYLENE GLYCOL' 'C12 H26 O7'
SO4 non-polymer 'SULFATE ION' 'O4 S -2'
#
# COMPACT_ATOMS: atom_id res chain seq x y z
N LYS A 2 12.07 1.21 -26.83
CA LYS A 2 13.50 1.40 -27.06
C LYS A 2 14.20 1.81 -25.77
N GLN A 3 13.82 2.96 -25.23
CA GLN A 3 14.40 3.42 -23.97
C GLN A 3 13.96 2.52 -22.83
N GLU A 4 14.91 2.12 -22.00
CA GLU A 4 14.64 1.19 -20.90
C GLU A 4 15.35 1.66 -19.64
N VAL A 5 14.69 1.49 -18.51
CA VAL A 5 15.25 1.80 -17.19
C VAL A 5 15.15 0.54 -16.34
N THR A 6 16.28 0.06 -15.84
CA THR A 6 16.36 -1.19 -15.12
C THR A 6 16.73 -0.91 -13.66
N GLN A 7 15.90 -1.40 -12.74
CA GLN A 7 16.17 -1.31 -11.32
C GLN A 7 16.44 -2.70 -10.76
N ILE A 8 17.56 -2.84 -10.04
CA ILE A 8 17.90 -4.09 -9.40
C ILE A 8 18.40 -3.80 -7.99
N PRO A 9 18.05 -4.68 -7.02
CA PRO A 9 17.18 -5.84 -7.20
C PRO A 9 15.71 -5.46 -7.20
N ALA A 10 14.83 -6.39 -7.61
CA ALA A 10 13.41 -6.10 -7.60
C ALA A 10 12.88 -6.00 -6.18
N ALA A 11 13.40 -6.81 -5.26
CA ALA A 11 13.00 -6.78 -3.87
C ALA A 11 14.24 -6.91 -2.99
N LEU A 12 14.31 -6.11 -1.93
CA LEU A 12 15.46 -6.07 -1.04
C LEU A 12 14.98 -6.11 0.40
N SER A 13 15.55 -7.01 1.19
CA SER A 13 15.25 -7.13 2.61
C SER A 13 16.56 -7.07 3.39
N VAL A 14 16.66 -6.11 4.30
CA VAL A 14 17.89 -5.94 5.09
C VAL A 14 17.51 -5.62 6.53
N PRO A 15 18.36 -6.00 7.47
CA PRO A 15 18.15 -5.61 8.86
C PRO A 15 18.41 -4.12 9.06
N GLU A 16 17.69 -3.53 10.00
CA GLU A 16 17.85 -2.11 10.27
C GLU A 16 19.25 -1.83 10.83
N GLY A 17 19.74 -0.62 10.55
CA GLY A 17 21.08 -0.24 10.91
C GLY A 17 22.12 -0.43 9.83
N GLU A 18 21.79 -1.18 8.77
CA GLU A 18 22.71 -1.41 7.67
C GLU A 18 22.59 -0.31 6.62
N ASN A 19 23.68 -0.07 5.91
CA ASN A 19 23.64 0.73 4.70
C ASN A 19 23.19 -0.15 3.54
N LEU A 20 22.33 0.40 2.69
CA LEU A 20 21.80 -0.36 1.57
C LEU A 20 21.97 0.43 0.28
N VAL A 21 21.97 -0.30 -0.84
CA VAL A 21 22.30 0.24 -2.14
C VAL A 21 21.17 -0.13 -3.10
N LEU A 22 20.66 0.86 -3.82
CA LEU A 22 19.66 0.66 -4.87
C LEU A 22 20.28 1.01 -6.21
N ASN A 23 20.22 0.09 -7.16
CA ASN A 23 20.87 0.26 -8.45
C ASN A 23 19.85 0.60 -9.53
N CYS A 24 20.26 1.44 -10.47
CA CYS A 24 19.41 1.85 -11.58
C CYS A 24 20.28 2.10 -12.80
N SER A 25 20.02 1.36 -13.88
CA SER A 25 20.73 1.52 -15.13
C SER A 25 19.75 1.89 -16.24
N PHE A 26 20.27 2.53 -17.28
CA PHE A 26 19.45 3.12 -18.31
C PHE A 26 20.21 3.17 -19.62
N THR A 27 19.48 3.09 -20.73
CA THR A 27 20.09 3.11 -22.04
C THR A 27 20.47 4.53 -22.45
N ASP A 28 21.30 4.62 -23.49
CA ASP A 28 21.66 5.88 -24.13
C ASP A 28 22.33 6.88 -23.19
N SER A 29 22.49 8.12 -23.66
CA SER A 29 23.18 9.16 -22.91
C SER A 29 22.65 10.53 -23.26
N ALA A 30 23.56 11.48 -23.44
CA ALA A 30 23.27 12.86 -23.80
C ALA A 30 22.53 13.54 -22.64
N ILE A 31 21.61 14.46 -22.94
CA ILE A 31 20.98 15.24 -21.88
C ILE A 31 19.83 14.44 -21.26
N TYR A 32 19.82 14.38 -19.93
CA TYR A 32 18.72 13.77 -19.18
C TYR A 32 18.90 14.10 -17.71
N ASN A 33 17.88 13.78 -16.92
CA ASN A 33 18.01 13.80 -15.47
C ASN A 33 17.41 12.52 -14.90
N LEU A 34 17.79 12.21 -13.67
CA LEU A 34 17.24 11.08 -12.95
C LEU A 34 16.48 11.58 -11.73
N GLN A 35 15.37 10.90 -11.43
CA GLN A 35 14.54 11.29 -10.28
C GLN A 35 14.14 10.03 -9.54
N TRP A 36 14.46 9.97 -8.25
CA TRP A 36 14.10 8.86 -7.39
C TRP A 36 12.84 9.22 -6.62
N PHE A 37 11.90 8.29 -6.55
CA PHE A 37 10.63 8.49 -5.86
C PHE A 37 10.44 7.42 -4.79
N ARG A 38 9.64 7.77 -3.79
CA ARG A 38 9.18 6.84 -2.78
C ARG A 38 7.66 6.84 -2.79
N GLN A 39 7.06 5.64 -2.78
CA GLN A 39 5.62 5.52 -2.63
C GLN A 39 5.31 4.46 -1.58
N ASP A 40 4.42 4.79 -0.67
CA ASP A 40 3.92 3.82 0.30
C ASP A 40 2.72 3.09 -0.27
N PRO A 41 2.41 1.89 0.23
CA PRO A 41 1.26 1.14 -0.30
C PRO A 41 -0.04 1.94 -0.28
N GLY A 42 -0.63 2.11 -1.46
CA GLY A 42 -1.90 2.79 -1.57
C GLY A 42 -1.82 4.31 -1.60
N LYS A 43 -0.64 4.89 -1.81
CA LYS A 43 -0.49 6.33 -1.80
C LYS A 43 0.32 6.75 -3.02
N GLY A 44 0.59 8.05 -3.12
CA GLY A 44 1.23 8.63 -4.28
C GLY A 44 2.74 8.52 -4.25
N LEU A 45 3.37 9.21 -5.19
CA LEU A 45 4.82 9.24 -5.32
C LEU A 45 5.37 10.52 -4.72
N THR A 46 6.37 10.38 -3.85
CA THR A 46 7.07 11.52 -3.26
C THR A 46 8.47 11.58 -3.82
N SER A 47 8.81 12.72 -4.43
CA SER A 47 10.12 12.86 -5.04
C SER A 47 11.20 12.95 -3.96
N LEU A 48 12.23 12.10 -4.09
CA LEU A 48 13.31 12.06 -3.13
C LEU A 48 14.52 12.87 -3.58
N LEU A 49 15.02 12.61 -4.79
CA LEU A 49 16.22 13.27 -5.28
C LEU A 49 16.12 13.46 -6.78
N LEU A 50 16.82 14.48 -7.28
CA LEU A 50 16.91 14.76 -8.71
C LEU A 50 18.39 14.95 -9.05
N ILE A 51 18.87 14.18 -10.02
CA ILE A 51 20.26 14.26 -10.47
C ILE A 51 20.26 14.60 -11.94
N GLN A 52 20.90 15.71 -12.28
CA GLN A 52 21.07 16.07 -13.69
C GLN A 52 22.25 15.32 -14.29
N SER A 53 22.32 15.30 -15.62
CA SER A 53 23.44 14.66 -16.29
C SER A 53 24.75 15.37 -16.00
N SER A 54 24.69 16.68 -15.70
CA SER A 54 25.89 17.46 -15.40
C SER A 54 26.49 17.14 -14.05
N GLN A 55 25.79 16.40 -13.20
CA GLN A 55 26.19 16.16 -11.82
C GLN A 55 26.57 14.69 -11.62
N ARG A 56 27.31 14.45 -10.54
CA ARG A 56 27.70 13.11 -10.13
C ARG A 56 27.15 12.70 -8.78
N GLU A 57 26.88 13.66 -7.89
CA GLU A 57 26.45 13.37 -6.53
C GLU A 57 25.26 14.25 -6.18
N GLN A 58 24.34 13.70 -5.38
CA GLN A 58 23.20 14.46 -4.89
C GLN A 58 22.73 13.80 -3.60
N THR A 59 22.75 14.56 -2.50
CA THR A 59 22.47 14.01 -1.18
C THR A 59 21.30 14.74 -0.54
N SER A 60 20.69 14.07 0.43
CA SER A 60 19.59 14.62 1.21
C SER A 60 19.34 13.76 2.44
N GLY A 61 19.83 14.20 3.60
CA GLY A 61 19.69 13.41 4.81
C GLY A 61 20.52 12.14 4.70
N ARG A 62 19.90 11.00 5.00
CA ARG A 62 20.58 9.72 4.87
C ARG A 62 20.61 9.20 3.43
N LEU A 63 19.99 9.93 2.50
CA LEU A 63 19.96 9.51 1.11
C LEU A 63 21.15 10.07 0.35
N ASN A 64 21.77 9.24 -0.48
CA ASN A 64 22.87 9.63 -1.35
C ASN A 64 22.61 9.04 -2.72
N ALA A 65 22.64 9.90 -3.74
CA ALA A 65 22.34 9.50 -5.11
C ALA A 65 23.56 9.73 -5.98
N SER A 66 24.12 8.66 -6.52
CA SER A 66 25.28 8.72 -7.39
C SER A 66 24.86 8.48 -8.84
N LEU A 67 25.61 9.08 -9.76
CA LEU A 67 25.32 8.97 -11.18
C LEU A 67 26.61 8.80 -11.95
N ASP A 68 26.68 7.73 -12.76
CA ASP A 68 27.82 7.46 -13.62
C ASP A 68 27.34 7.57 -15.06
N LYS A 69 27.57 8.73 -15.68
CA LYS A 69 27.00 9.00 -16.99
C LYS A 69 27.61 8.11 -18.08
N SER A 70 28.89 7.77 -17.96
CA SER A 70 29.54 6.97 -18.98
C SER A 70 28.99 5.54 -19.01
N SER A 71 28.95 4.88 -17.85
CA SER A 71 28.44 3.52 -17.78
C SER A 71 26.92 3.45 -17.85
N GLY A 72 26.23 4.57 -17.61
CA GLY A 72 24.78 4.55 -17.56
C GLY A 72 24.19 3.97 -16.30
N ARG A 73 24.96 3.91 -15.22
CA ARG A 73 24.50 3.38 -13.95
C ARG A 73 24.19 4.51 -12.98
N SER A 74 23.18 4.27 -12.15
CA SER A 74 22.84 5.18 -11.06
C SER A 74 22.70 4.37 -9.78
N THR A 75 22.91 5.04 -8.64
CA THR A 75 22.90 4.36 -7.36
C THR A 75 22.25 5.25 -6.31
N LEU A 76 21.41 4.65 -5.48
CA LEU A 76 20.78 5.34 -4.36
C LEU A 76 21.24 4.68 -3.08
N TYR A 77 22.01 5.41 -2.27
CA TYR A 77 22.54 4.90 -1.02
C TYR A 77 21.66 5.39 0.13
N ILE A 78 21.16 4.45 0.93
CA ILE A 78 20.44 4.76 2.16
C ILE A 78 21.34 4.35 3.33
N ALA A 79 21.88 5.34 4.04
CA ALA A 79 22.75 5.10 5.18
C ALA A 79 21.93 4.85 6.43
N ALA A 80 22.38 3.88 7.24
CA ALA A 80 21.78 3.54 8.53
C ALA A 80 20.26 3.40 8.41
N SER A 81 19.86 2.37 7.67
CA SER A 81 18.47 2.17 7.33
C SER A 81 17.62 1.94 8.57
N GLN A 82 16.43 2.53 8.59
CA GLN A 82 15.45 2.37 9.64
C GLN A 82 14.22 1.63 9.11
N PRO A 83 13.42 1.02 10.00
CA PRO A 83 12.19 0.37 9.52
C PRO A 83 11.26 1.32 8.79
N GLY A 84 11.28 2.62 9.14
CA GLY A 84 10.48 3.60 8.43
C GLY A 84 10.88 3.83 6.98
N ASP A 85 12.02 3.28 6.55
CA ASP A 85 12.45 3.39 5.17
C ASP A 85 11.77 2.39 4.25
N SER A 86 11.05 1.42 4.81
CA SER A 86 10.40 0.38 4.01
C SER A 86 9.32 1.02 3.13
N ALA A 87 9.50 0.91 1.82
CA ALA A 87 8.57 1.45 0.83
C ALA A 87 8.97 0.89 -0.54
N THR A 88 8.35 1.42 -1.59
CA THR A 88 8.73 1.09 -2.96
C THR A 88 9.50 2.28 -3.55
N TYR A 89 10.71 2.02 -4.02
CA TYR A 89 11.57 3.06 -4.56
C TYR A 89 11.59 2.96 -6.08
N LEU A 90 11.25 4.05 -6.75
CA LEU A 90 11.15 4.11 -8.20
C LEU A 90 12.26 5.00 -8.76
N CYS A 91 12.89 4.51 -9.82
CA CYS A 91 13.90 5.26 -10.55
C CYS A 91 13.32 5.63 -11.91
N ALA A 92 13.48 6.89 -12.31
CA ALA A 92 12.91 7.37 -13.56
C ALA A 92 13.90 8.24 -14.29
N GLN A 93 14.00 8.04 -15.61
CA GLN A 93 14.89 8.81 -16.46
C GLN A 93 14.08 9.64 -17.44
N LEU A 94 14.49 10.90 -17.61
CA LEU A 94 13.88 11.75 -18.61
C LEU A 94 14.29 11.29 -20.01
N ASN A 95 13.35 11.27 -20.93
CA ASN A 95 13.66 10.83 -22.29
C ASN A 95 14.53 11.88 -22.99
N GLN A 96 14.82 11.63 -24.27
CA GLN A 96 15.77 12.45 -25.00
C GLN A 96 15.19 13.77 -25.49
N ALA A 97 13.87 13.95 -25.44
CA ALA A 97 13.24 15.13 -26.02
C ALA A 97 13.63 16.46 -25.34
N GLY A 98 13.54 16.61 -24.01
CA GLY A 98 13.07 15.62 -23.06
C GLY A 98 11.75 16.04 -22.44
N THR A 99 10.66 15.44 -22.92
CA THR A 99 9.32 15.88 -22.56
C THR A 99 8.59 14.94 -21.61
N ALA A 100 9.12 13.75 -21.36
CA ALA A 100 8.42 12.77 -20.53
C ALA A 100 9.44 12.00 -19.70
N LEU A 101 8.93 11.32 -18.68
CA LEU A 101 9.73 10.57 -17.73
C LEU A 101 9.44 9.09 -17.87
N ILE A 102 10.49 8.28 -18.03
CA ILE A 102 10.38 6.84 -18.20
C ILE A 102 10.84 6.16 -16.92
N PHE A 103 10.04 5.22 -16.41
CA PHE A 103 10.23 4.67 -15.09
C PHE A 103 10.80 3.25 -15.15
N GLY A 104 11.51 2.88 -14.09
CA GLY A 104 11.85 1.49 -13.86
C GLY A 104 10.72 0.77 -13.15
N LYS A 105 10.89 -0.54 -12.99
CA LYS A 105 9.87 -1.35 -12.35
C LYS A 105 9.87 -1.23 -10.83
N GLY A 106 10.80 -0.47 -10.27
CA GLY A 106 10.80 -0.19 -8.85
C GLY A 106 11.47 -1.29 -8.03
N THR A 107 11.91 -0.91 -6.84
CA THR A 107 12.49 -1.81 -5.86
C THR A 107 11.70 -1.70 -4.57
N THR A 108 11.03 -2.79 -4.19
CA THR A 108 10.31 -2.83 -2.92
C THR A 108 11.31 -3.13 -1.81
N LEU A 109 11.55 -2.14 -0.95
CA LEU A 109 12.53 -2.27 0.14
C LEU A 109 11.83 -2.64 1.44
N SER A 110 12.36 -3.63 2.13
CA SER A 110 11.89 -4.03 3.45
C SER A 110 13.03 -3.95 4.43
N VAL A 111 12.89 -3.11 5.45
CA VAL A 111 13.89 -2.95 6.49
C VAL A 111 13.31 -3.56 7.76
N SER A 112 13.85 -4.70 8.17
CA SER A 112 13.30 -5.43 9.31
C SER A 112 13.80 -4.83 10.62
N SER A 113 12.91 -4.75 11.60
CA SER A 113 13.26 -4.19 12.89
C SER A 113 14.04 -5.21 13.71
N ASN A 114 14.93 -4.70 14.56
CA ASN A 114 15.70 -5.55 15.46
C ASN A 114 14.89 -5.79 16.73
N ILE A 115 14.53 -7.04 16.98
CA ILE A 115 13.75 -7.41 18.14
C ILE A 115 14.71 -7.64 19.31
N GLN A 116 14.57 -6.85 20.37
CA GLN A 116 15.49 -6.92 21.50
C GLN A 116 15.51 -8.31 22.11
N ASN A 117 14.36 -8.78 22.58
CA ASN A 117 14.24 -10.10 23.20
C ASN A 117 13.08 -10.84 22.52
N PRO A 118 13.37 -11.66 21.51
CA PRO A 118 12.31 -12.39 20.82
C PRO A 118 11.58 -13.33 21.77
N ASP A 119 10.25 -13.26 21.76
CA ASP A 119 9.40 -14.09 22.60
C ASP A 119 8.25 -14.64 21.75
N PRO A 120 8.56 -15.46 20.75
CA PRO A 120 7.54 -15.84 19.76
C PRO A 120 6.44 -16.69 20.39
N ALA A 121 5.20 -16.35 20.08
CA ALA A 121 4.05 -17.05 20.65
C ALA A 121 2.85 -16.89 19.72
N VAL A 122 1.86 -17.76 19.92
CA VAL A 122 0.61 -17.73 19.18
C VAL A 122 -0.53 -17.74 20.20
N TYR A 123 -1.38 -16.71 20.17
CA TYR A 123 -2.48 -16.57 21.10
C TYR A 123 -3.80 -16.48 20.35
N GLN A 124 -4.81 -17.20 20.83
CA GLN A 124 -6.13 -17.17 20.23
C GLN A 124 -7.02 -16.13 20.89
N LEU A 125 -7.74 -15.36 20.07
CA LEU A 125 -8.54 -14.23 20.52
C LEU A 125 -10.02 -14.58 20.47
N ARG A 126 -10.82 -13.80 21.20
CA ARG A 126 -12.25 -14.05 21.33
C ARG A 126 -13.03 -13.36 20.21
N ASP A 127 -14.18 -13.94 19.87
CA ASP A 127 -14.95 -13.56 18.69
C ASP A 127 -15.67 -12.22 18.92
N SER A 128 -16.50 -11.83 17.95
CA SER A 128 -17.20 -10.56 17.99
C SER A 128 -18.60 -10.67 17.39
N LYS A 129 -18.69 -10.55 16.07
CA LYS A 129 -19.96 -10.52 15.36
C LYS A 129 -20.32 -11.86 14.72
N SER A 130 -19.39 -12.80 14.64
CA SER A 130 -19.62 -14.07 13.96
C SER A 130 -19.24 -15.22 14.87
N SER A 131 -20.13 -16.21 14.96
CA SER A 131 -19.80 -17.45 15.65
C SER A 131 -18.67 -18.16 14.90
N ASP A 132 -17.87 -18.92 15.65
CA ASP A 132 -16.63 -19.53 15.15
C ASP A 132 -15.78 -18.37 14.64
N LYS A 133 -15.21 -18.43 13.43
CA LYS A 133 -14.33 -17.39 12.91
C LYS A 133 -13.25 -17.03 13.93
N SER A 134 -12.59 -18.06 14.43
CA SER A 134 -11.57 -17.86 15.46
C SER A 134 -10.33 -17.22 14.86
N VAL A 135 -9.97 -16.05 15.37
CA VAL A 135 -8.80 -15.31 14.95
C VAL A 135 -7.70 -15.52 15.97
N CYS A 136 -6.45 -15.52 15.52
CA CYS A 136 -5.35 -15.53 16.45
C CYS A 136 -4.10 -14.92 15.82
N LEU A 137 -3.09 -14.76 16.67
CA LEU A 137 -2.00 -13.81 16.44
C LEU A 137 -0.67 -14.49 16.71
N PHE A 138 0.17 -14.58 15.68
CA PHE A 138 1.57 -14.95 15.83
C PHE A 138 2.36 -13.67 16.05
N THR A 139 2.96 -13.52 17.23
CA THR A 139 3.55 -12.24 17.61
C THR A 139 4.87 -12.44 18.35
N ASP A 140 5.62 -11.34 18.44
CA ASP A 140 6.85 -11.23 19.23
C ASP A 140 7.99 -12.11 18.71
N PHE A 141 7.96 -12.50 17.44
CA PHE A 141 9.06 -13.25 16.85
C PHE A 141 10.08 -12.29 16.25
N ASP A 142 11.33 -12.77 16.15
CA ASP A 142 12.38 -11.92 15.59
C ASP A 142 12.23 -11.81 14.08
N SER A 143 13.03 -10.92 13.49
CA SER A 143 12.87 -10.58 12.09
C SER A 143 13.30 -11.69 11.14
N GLN A 144 14.12 -12.64 11.61
CA GLN A 144 14.55 -13.74 10.74
C GLN A 144 13.42 -14.72 10.45
N THR A 145 12.36 -14.71 11.26
CA THR A 145 11.25 -15.62 11.06
C THR A 145 10.39 -15.17 9.88
N ASN A 146 10.04 -16.13 9.02
CA ASN A 146 9.19 -15.88 7.86
C ASN A 146 7.91 -16.71 7.99
N VAL A 147 6.78 -16.08 7.71
CA VAL A 147 5.47 -16.71 7.85
C VAL A 147 4.99 -17.13 6.46
N SER A 148 4.33 -18.28 6.39
CA SER A 148 3.84 -18.83 5.13
C SER A 148 2.34 -18.66 5.01
N GLN A 149 1.86 -18.71 3.76
CA GLN A 149 0.44 -18.65 3.49
C GLN A 149 -0.29 -19.91 3.96
N SER A 150 0.42 -21.04 4.01
CA SER A 150 -0.12 -22.34 4.42
C SER A 150 -1.18 -22.84 3.45
N LYS A 151 -1.60 -24.09 3.61
CA LYS A 151 -2.54 -24.73 2.71
C LYS A 151 -3.78 -25.16 3.48
N ASP A 152 -4.92 -24.58 3.13
CA ASP A 152 -6.23 -24.95 3.68
C ASP A 152 -7.33 -24.19 2.96
N SER A 153 -8.51 -24.79 2.84
CA SER A 153 -9.59 -24.16 2.10
C SER A 153 -10.16 -22.96 2.83
N ASP A 154 -10.11 -22.95 4.16
CA ASP A 154 -10.76 -21.91 4.95
C ASP A 154 -9.79 -21.04 5.75
N VAL A 155 -8.49 -21.31 5.69
CA VAL A 155 -7.51 -20.64 6.56
C VAL A 155 -6.79 -19.57 5.76
N TYR A 156 -6.63 -18.39 6.37
CA TYR A 156 -5.91 -17.28 5.77
C TYR A 156 -4.86 -16.78 6.76
N ILE A 157 -3.70 -16.40 6.24
CA ILE A 157 -2.61 -15.86 7.06
C ILE A 157 -2.10 -14.58 6.40
N THR A 158 -2.02 -13.52 7.19
CA THR A 158 -1.52 -12.24 6.69
C THR A 158 0.00 -12.22 6.67
N ASP A 159 0.55 -11.22 5.97
CA ASP A 159 1.99 -11.00 5.99
C ASP A 159 2.42 -10.48 7.37
N LYS A 160 3.73 -10.48 7.59
CA LYS A 160 4.27 -9.94 8.83
C LYS A 160 4.02 -8.43 8.89
N CYS A 161 4.11 -7.88 10.10
CA CYS A 161 3.67 -6.52 10.37
C CYS A 161 4.31 -6.06 11.67
N VAL A 162 4.96 -4.90 11.64
CA VAL A 162 5.71 -4.39 12.78
C VAL A 162 4.96 -3.18 13.34
N LEU A 163 4.61 -3.25 14.62
CA LEU A 163 4.04 -2.12 15.34
C LEU A 163 5.05 -1.60 16.37
N ASP A 164 4.87 -0.34 16.76
CA ASP A 164 5.79 0.32 17.68
C ASP A 164 4.99 1.05 18.75
N MET A 165 5.10 0.58 19.98
CA MET A 165 4.48 1.24 21.14
C MET A 165 5.45 2.30 21.64
N ARG A 166 5.15 3.57 21.38
CA ARG A 166 6.08 4.63 21.73
C ARG A 166 6.21 4.80 23.24
N SER A 167 5.09 4.69 23.96
CA SER A 167 5.11 4.85 25.41
C SER A 167 5.98 3.79 26.10
N MET A 168 6.28 2.70 25.40
CA MET A 168 7.04 1.60 25.98
C MET A 168 8.36 1.33 25.28
N ASP A 169 8.66 2.06 24.19
CA ASP A 169 9.88 1.84 23.42
C ASP A 169 10.00 0.38 23.01
N PHE A 170 8.89 -0.19 22.55
CA PHE A 170 8.78 -1.63 22.28
C PHE A 170 8.26 -1.84 20.88
N LYS A 171 9.02 -2.55 20.06
CA LYS A 171 8.59 -2.99 18.74
C LYS A 171 8.30 -4.48 18.78
N SER A 172 7.36 -4.91 17.94
CA SER A 172 7.02 -6.32 17.88
C SER A 172 6.44 -6.65 16.51
N ASN A 173 6.90 -7.76 15.94
CA ASN A 173 6.30 -8.28 14.72
C ASN A 173 5.06 -9.09 15.05
N SER A 174 4.14 -9.16 14.09
CA SER A 174 2.95 -9.97 14.29
C SER A 174 2.35 -10.34 12.94
N ALA A 175 1.85 -11.57 12.85
CA ALA A 175 1.05 -12.03 11.74
C ALA A 175 -0.24 -12.62 12.28
N VAL A 176 -1.32 -12.49 11.50
CA VAL A 176 -2.66 -12.85 11.95
C VAL A 176 -3.17 -14.01 11.11
N ALA A 177 -3.88 -14.93 11.75
CA ALA A 177 -4.49 -16.07 11.09
C ALA A 177 -5.92 -16.25 11.60
N TRP A 178 -6.82 -16.64 10.70
CA TRP A 178 -8.20 -16.91 11.07
C TRP A 178 -8.76 -17.93 10.08
N SER A 179 -9.94 -18.45 10.41
CA SER A 179 -10.62 -19.41 9.56
C SER A 179 -12.05 -19.58 10.07
N ASN A 180 -12.86 -20.28 9.26
CA ASN A 180 -14.22 -20.61 9.63
C ASN A 180 -14.48 -22.12 9.59
N LYS A 181 -13.45 -22.93 9.45
CA LYS A 181 -13.59 -24.38 9.39
C LYS A 181 -13.72 -24.97 10.79
N SER A 182 -13.80 -26.29 10.86
CA SER A 182 -13.94 -27.02 12.12
C SER A 182 -12.67 -27.75 12.51
N ASP A 183 -12.08 -28.53 11.58
CA ASP A 183 -10.84 -29.25 11.87
C ASP A 183 -9.67 -28.31 12.18
N PHE A 184 -9.82 -27.02 11.91
CA PHE A 184 -8.73 -26.06 12.09
C PHE A 184 -8.92 -25.35 13.43
N ALA A 185 -8.13 -25.74 14.41
CA ALA A 185 -7.87 -24.84 15.53
C ALA A 185 -6.94 -23.74 15.05
N CYS A 186 -7.01 -22.58 15.71
CA CYS A 186 -6.31 -21.40 15.23
C CYS A 186 -4.82 -21.64 15.08
N ALA A 187 -4.18 -22.22 16.09
CA ALA A 187 -2.73 -22.30 16.15
C ALA A 187 -2.14 -23.20 15.08
N ASN A 188 -2.94 -24.04 14.44
CA ASN A 188 -2.41 -25.00 13.48
C ASN A 188 -2.05 -24.38 12.13
N ALA A 189 -2.36 -23.11 11.92
CA ALA A 189 -2.00 -22.47 10.65
C ALA A 189 -0.50 -22.25 10.54
N PHE A 190 0.14 -21.86 11.65
CA PHE A 190 1.55 -21.49 11.61
C PHE A 190 2.50 -22.67 11.71
N ASN A 191 2.03 -23.82 12.19
CA ASN A 191 2.92 -24.96 12.37
C ASN A 191 3.46 -25.45 11.03
N ASN A 192 2.73 -25.23 9.94
CA ASN A 192 3.24 -25.60 8.62
C ASN A 192 4.39 -24.70 8.19
N SER A 193 4.37 -23.43 8.58
CA SER A 193 5.43 -22.50 8.25
C SER A 193 6.67 -22.76 9.10
N ILE A 194 7.77 -22.12 8.72
CA ILE A 194 9.04 -22.23 9.44
C ILE A 194 8.91 -21.38 10.71
N ILE A 195 8.71 -22.02 11.84
CA ILE A 195 8.45 -21.33 13.11
C ILE A 195 9.47 -21.81 14.13
N PRO A 196 9.95 -20.93 15.03
CA PRO A 196 10.93 -21.36 16.04
C PRO A 196 10.42 -22.52 16.87
N GLU A 197 11.37 -23.30 17.41
CA GLU A 197 11.00 -24.50 18.15
C GLU A 197 10.41 -24.19 19.50
N ASP A 198 10.87 -23.12 20.17
CA ASP A 198 10.42 -22.75 21.50
C ASP A 198 9.26 -21.77 21.50
N THR A 199 8.45 -21.76 20.44
CA THR A 199 7.32 -20.84 20.37
C THR A 199 6.24 -21.26 21.37
N PHE A 200 5.65 -20.26 22.03
CA PHE A 200 4.65 -20.49 23.07
C PHE A 200 3.29 -20.72 22.43
N PHE A 201 2.70 -21.90 22.68
CA PHE A 201 1.41 -22.30 22.13
C PHE A 201 0.43 -22.59 23.25
N PRO A 202 -0.04 -21.56 23.96
CA PRO A 202 -0.99 -21.80 25.05
C PRO A 202 -2.37 -22.11 24.50
N SER A 203 -3.03 -23.08 25.12
CA SER A 203 -4.37 -23.40 24.68
C SER A 203 -5.37 -22.42 25.31
N PRO A 204 -6.39 -21.99 24.56
CA PRO A 204 -7.43 -21.10 25.09
C PRO A 204 -8.46 -21.84 25.94
N ALA B 3 0.54 24.46 -3.64
CA ALA B 3 1.37 24.16 -4.81
C ALA B 3 1.56 22.65 -4.98
N GLY B 4 0.64 22.03 -5.71
CA GLY B 4 0.71 20.59 -5.92
C GLY B 4 -0.24 20.16 -7.00
N VAL B 5 -0.24 18.85 -7.25
CA VAL B 5 -1.08 18.23 -8.26
C VAL B 5 -2.22 17.50 -7.56
N THR B 6 -3.46 17.84 -7.92
CA THR B 6 -4.64 17.22 -7.33
C THR B 6 -5.38 16.42 -8.39
N GLN B 7 -5.61 15.14 -8.12
CA GLN B 7 -6.37 14.27 -8.98
C GLN B 7 -7.69 13.91 -8.33
N THR B 8 -8.74 13.78 -9.15
CA THR B 8 -10.03 13.31 -8.67
C THR B 8 -10.62 12.35 -9.70
N PRO B 9 -11.29 11.29 -9.22
CA PRO B 9 -11.48 10.98 -7.81
C PRO B 9 -10.33 10.16 -7.23
N LYS B 10 -10.34 9.94 -5.93
CA LYS B 10 -9.32 9.09 -5.32
C LYS B 10 -9.57 7.63 -5.66
N PHE B 11 -10.83 7.20 -5.63
CA PHE B 11 -11.22 5.84 -5.95
C PHE B 11 -12.39 5.89 -6.94
N GLN B 12 -12.57 4.80 -7.66
CA GLN B 12 -13.65 4.71 -8.64
C GLN B 12 -13.89 3.25 -9.00
N VAL B 13 -15.16 2.86 -9.02
CA VAL B 13 -15.58 1.55 -9.52
C VAL B 13 -16.41 1.78 -10.77
N LEU B 14 -16.09 1.02 -11.82
CA LEU B 14 -16.75 1.18 -13.12
C LEU B 14 -17.26 -0.16 -13.61
N LYS B 15 -18.46 -0.16 -14.17
CA LYS B 15 -18.93 -1.29 -14.94
C LYS B 15 -18.29 -1.28 -16.33
N THR B 16 -18.03 -2.46 -16.85
CA THR B 16 -17.41 -2.57 -18.16
C THR B 16 -18.26 -1.87 -19.22
N GLY B 17 -17.62 -1.04 -20.04
CA GLY B 17 -18.30 -0.28 -21.07
C GLY B 17 -18.65 1.14 -20.68
N GLN B 18 -18.50 1.50 -19.41
CA GLN B 18 -18.84 2.84 -18.97
C GLN B 18 -17.72 3.82 -19.32
N SER B 19 -18.10 5.08 -19.52
CA SER B 19 -17.12 6.14 -19.73
C SER B 19 -16.82 6.82 -18.40
N MET B 20 -15.65 7.44 -18.32
CA MET B 20 -15.23 8.09 -17.09
C MET B 20 -14.07 9.02 -17.40
N THR B 21 -14.07 10.18 -16.75
CA THR B 21 -13.02 11.18 -16.91
C THR B 21 -12.30 11.38 -15.58
N LEU B 22 -10.99 11.25 -15.60
CA LEU B 22 -10.15 11.49 -14.43
C LEU B 22 -9.60 12.92 -14.51
N GLN B 23 -9.87 13.71 -13.48
CA GLN B 23 -9.45 15.10 -13.47
C GLN B 23 -8.05 15.24 -12.88
N CYS B 24 -7.29 16.18 -13.45
CA CYS B 24 -5.98 16.51 -12.91
C CYS B 24 -5.72 18.00 -13.12
N ALA B 25 -5.41 18.70 -12.02
CA ALA B 25 -5.14 20.12 -12.07
C ALA B 25 -3.91 20.42 -11.22
N GLN B 26 -3.20 21.50 -11.58
CA GLN B 26 -2.02 21.93 -10.84
C GLN B 26 -1.97 23.45 -10.88
N ASP B 27 -1.58 24.05 -9.74
CA ASP B 27 -1.48 25.49 -9.61
C ASP B 27 -0.04 25.97 -9.57
N MET B 28 0.87 25.23 -10.20
CA MET B 28 2.29 25.56 -10.21
C MET B 28 2.74 26.20 -11.52
N ASN B 29 1.79 26.53 -12.42
CA ASN B 29 2.11 27.11 -13.72
C ASN B 29 3.06 26.21 -14.51
N HIS B 30 2.88 24.90 -14.39
CA HIS B 30 3.72 23.95 -15.09
C HIS B 30 3.24 23.77 -16.52
N GLU B 31 4.19 23.76 -17.47
CA GLU B 31 3.83 23.58 -18.87
C GLU B 31 3.61 22.11 -19.21
N TYR B 32 4.42 21.23 -18.65
CA TYR B 32 4.38 19.81 -18.99
C TYR B 32 3.47 19.06 -18.03
N MET B 33 2.62 18.20 -18.58
CA MET B 33 1.78 17.31 -17.79
C MET B 33 1.71 15.96 -18.49
N SER B 34 1.55 14.89 -17.70
CA SER B 34 1.51 13.56 -18.27
C SER B 34 0.74 12.63 -17.34
N TRP B 35 0.14 11.59 -17.93
CA TRP B 35 -0.60 10.58 -17.20
C TRP B 35 0.14 9.26 -17.25
N TYR B 36 0.12 8.53 -16.14
CA TYR B 36 0.71 7.21 -16.03
C TYR B 36 -0.31 6.24 -15.44
N ARG B 37 -0.10 4.96 -15.72
CA ARG B 37 -0.83 3.88 -15.06
C ARG B 37 0.17 2.92 -14.43
N GLN B 38 -0.11 2.50 -13.20
CA GLN B 38 0.77 1.61 -12.46
C GLN B 38 0.09 0.27 -12.27
N ASP B 39 0.81 -0.80 -12.60
CA ASP B 39 0.30 -2.16 -12.48
C ASP B 39 1.33 -3.01 -11.73
N PRO B 40 0.88 -4.05 -11.03
CA PRO B 40 1.82 -4.89 -10.27
C PRO B 40 2.87 -5.51 -11.19
N GLY B 41 4.14 -5.27 -10.85
CA GLY B 41 5.25 -5.77 -11.65
C GLY B 41 5.49 -5.03 -12.94
N MET B 42 4.79 -3.92 -13.18
CA MET B 42 4.93 -3.16 -14.41
C MET B 42 5.61 -1.81 -14.23
N GLY B 43 5.65 -1.28 -13.01
CA GLY B 43 6.12 0.08 -12.85
C GLY B 43 5.10 1.05 -13.43
N LEU B 44 5.56 2.26 -13.68
CA LEU B 44 4.71 3.30 -14.28
C LEU B 44 4.87 3.29 -15.80
N ARG B 45 3.75 3.19 -16.49
CA ARG B 45 3.72 3.22 -17.95
C ARG B 45 3.06 4.52 -18.41
N LEU B 46 3.72 5.22 -19.33
CA LEU B 46 3.22 6.50 -19.82
C LEU B 46 2.05 6.29 -20.78
N ILE B 47 0.99 7.05 -20.59
CA ILE B 47 -0.21 6.97 -21.42
C ILE B 47 -0.23 8.13 -22.41
N HIS B 48 -0.33 9.35 -21.89
CA HIS B 48 -0.32 10.55 -22.70
C HIS B 48 0.42 11.65 -21.95
N TYR B 49 1.01 12.58 -22.70
CA TYR B 49 1.67 13.73 -22.12
C TYR B 49 1.34 14.96 -22.95
N SER B 50 1.44 16.13 -22.30
CA SER B 50 1.16 17.40 -22.93
C SER B 50 2.29 18.37 -22.63
N VAL B 51 2.83 19.01 -23.66
CA VAL B 51 3.92 19.96 -23.50
C VAL B 51 3.42 21.40 -23.53
N GLY B 52 2.13 21.61 -23.32
CA GLY B 52 1.56 22.94 -23.34
C GLY B 52 0.08 22.88 -23.69
N ALA B 53 -0.57 24.03 -23.49
CA ALA B 53 -1.99 24.14 -23.81
C ALA B 53 -2.23 23.89 -25.29
N GLY B 54 -3.21 23.04 -25.60
CA GLY B 54 -3.54 22.73 -26.97
C GLY B 54 -2.68 21.67 -27.62
N ILE B 55 -1.67 21.16 -26.93
CA ILE B 55 -0.75 20.16 -27.46
C ILE B 55 -0.92 18.87 -26.67
N THR B 56 -0.90 17.74 -27.38
CA THR B 56 -1.07 16.43 -26.78
C THR B 56 -0.36 15.41 -27.65
N ASP B 57 0.37 14.49 -27.02
CA ASP B 57 1.05 13.42 -27.72
C ASP B 57 0.80 12.09 -27.03
N GLN B 58 0.90 11.00 -27.80
CA GLN B 58 0.72 9.67 -27.25
C GLN B 58 1.95 9.22 -26.49
N GLY B 59 1.74 8.34 -25.52
CA GLY B 59 2.80 7.80 -24.70
C GLY B 59 3.13 6.36 -25.08
N GLU B 60 3.40 5.54 -24.06
CA GLU B 60 3.76 4.15 -24.31
C GLU B 60 2.52 3.28 -24.50
N VAL B 61 1.44 3.57 -23.78
CA VAL B 61 0.22 2.78 -23.87
C VAL B 61 -0.98 3.71 -24.04
N PRO B 62 -1.13 4.36 -25.19
CA PRO B 62 -2.23 5.33 -25.34
C PRO B 62 -3.58 4.70 -25.63
N ASN B 63 -3.62 3.45 -26.11
CA ASN B 63 -4.88 2.84 -26.52
C ASN B 63 -5.86 2.77 -25.35
N GLY B 64 -7.12 3.10 -25.64
CA GLY B 64 -8.18 3.09 -24.65
C GLY B 64 -8.38 4.41 -23.93
N TYR B 65 -7.49 5.38 -24.10
CA TYR B 65 -7.57 6.65 -23.41
C TYR B 65 -7.45 7.80 -24.41
N ASN B 66 -7.97 8.95 -24.01
CA ASN B 66 -7.71 10.19 -24.74
C ASN B 66 -7.68 11.34 -23.74
N VAL B 67 -6.88 12.35 -24.05
CA VAL B 67 -6.68 13.48 -23.15
C VAL B 67 -6.91 14.78 -23.91
N SER B 68 -7.08 15.85 -23.15
CA SER B 68 -7.22 17.19 -23.71
C SER B 68 -6.46 18.17 -22.82
N ARG B 69 -5.96 19.23 -23.44
CA ARG B 69 -5.22 20.28 -22.75
C ARG B 69 -5.75 21.64 -23.22
N SER B 70 -6.94 21.99 -22.75
CA SER B 70 -7.53 23.28 -23.11
C SER B 70 -6.83 24.42 -22.39
N THR B 71 -6.42 24.19 -21.14
CA THR B 71 -5.74 25.19 -20.33
C THR B 71 -4.45 24.59 -19.78
N THR B 72 -3.59 25.47 -19.26
CA THR B 72 -2.33 25.03 -18.68
C THR B 72 -2.55 24.22 -17.40
N GLU B 73 -3.59 24.57 -16.63
CA GLU B 73 -3.80 23.98 -15.32
C GLU B 73 -4.37 22.57 -15.40
N ASP B 74 -5.30 22.33 -16.31
CA ASP B 74 -6.05 21.08 -16.33
C ASP B 74 -5.55 20.14 -17.42
N PHE B 75 -5.67 18.84 -17.15
CA PHE B 75 -5.27 17.78 -18.08
C PHE B 75 -6.08 16.53 -17.82
N PRO B 76 -7.35 16.48 -18.25
CA PRO B 76 -8.19 15.33 -17.94
C PRO B 76 -7.86 14.11 -18.77
N LEU B 77 -8.01 12.94 -18.14
CA LEU B 77 -7.85 11.65 -18.79
C LEU B 77 -9.24 11.03 -18.97
N ARG B 78 -9.59 10.73 -20.21
CA ARG B 78 -10.90 10.18 -20.54
C ARG B 78 -10.77 8.70 -20.87
N LEU B 79 -11.52 7.86 -20.17
CA LEU B 79 -11.62 6.45 -20.50
C LEU B 79 -12.78 6.24 -21.47
N LEU B 80 -12.46 5.81 -22.69
CA LEU B 80 -13.49 5.70 -23.73
C LEU B 80 -14.53 4.65 -23.37
N SER B 81 -14.09 3.40 -23.21
CA SER B 81 -14.98 2.31 -22.83
C SER B 81 -14.24 1.47 -21.79
N ALA B 82 -14.72 1.53 -20.55
CA ALA B 82 -14.02 0.87 -19.45
C ALA B 82 -13.89 -0.63 -19.71
N ALA B 83 -12.66 -1.13 -19.63
CA ALA B 83 -12.36 -2.54 -19.80
C ALA B 83 -11.67 -3.06 -18.55
N PRO B 84 -11.84 -4.35 -18.24
CA PRO B 84 -11.18 -4.92 -17.05
C PRO B 84 -9.67 -4.77 -17.08
N SER B 85 -9.06 -4.76 -18.28
CA SER B 85 -7.62 -4.57 -18.40
C SER B 85 -7.17 -3.18 -17.97
N GLN B 86 -8.10 -2.25 -17.78
CA GLN B 86 -7.78 -0.90 -17.34
C GLN B 86 -7.91 -0.72 -15.83
N THR B 87 -8.16 -1.81 -15.10
CA THR B 87 -8.06 -1.79 -13.64
C THR B 87 -6.62 -1.51 -13.24
N SER B 88 -6.36 -0.33 -12.70
CA SER B 88 -4.99 0.08 -12.40
C SER B 88 -5.05 1.29 -11.48
N VAL B 89 -3.86 1.77 -11.10
CA VAL B 89 -3.70 3.04 -10.40
C VAL B 89 -3.16 4.05 -11.40
N TYR B 90 -3.86 5.18 -11.53
CA TYR B 90 -3.51 6.20 -12.52
C TYR B 90 -2.90 7.40 -11.82
N PHE B 91 -1.73 7.83 -12.30
CA PHE B 91 -0.99 8.92 -11.70
C PHE B 91 -0.80 10.06 -12.70
N CYS B 92 -1.09 11.27 -12.25
CA CYS B 92 -0.87 12.48 -13.03
C CYS B 92 0.37 13.20 -12.51
N ALA B 93 1.20 13.67 -13.43
CA ALA B 93 2.44 14.34 -13.07
C ALA B 93 2.61 15.60 -13.91
N SER B 94 3.30 16.58 -13.34
CA SER B 94 3.54 17.84 -14.03
C SER B 94 4.98 18.28 -13.80
N SER B 95 5.48 19.09 -14.74
CA SER B 95 6.82 19.65 -14.67
C SER B 95 6.79 21.02 -15.32
N TYR B 96 7.69 21.90 -14.87
CA TYR B 96 7.61 23.29 -15.31
C TYR B 96 7.91 23.44 -16.79
N GLY B 97 9.01 22.86 -17.25
CA GLY B 97 9.42 23.07 -18.62
C GLY B 97 10.36 22.00 -19.14
N THR B 98 11.12 22.38 -20.16
CA THR B 98 11.95 21.40 -20.88
C THR B 98 13.26 21.12 -20.16
N GLY B 99 13.79 22.08 -19.42
CA GLY B 99 15.12 21.93 -18.85
C GLY B 99 15.20 20.75 -17.90
N ILE B 100 16.38 20.12 -17.88
CA ILE B 100 16.61 18.97 -17.02
C ILE B 100 16.77 19.37 -15.56
N ASN B 101 16.89 20.66 -15.26
CA ASN B 101 16.94 21.11 -13.88
C ASN B 101 15.57 21.04 -13.20
N TYR B 102 14.49 20.94 -13.98
CA TYR B 102 13.15 20.84 -13.43
C TYR B 102 12.75 19.37 -13.28
N GLY B 103 12.09 19.07 -12.16
CA GLY B 103 11.61 17.73 -11.88
C GLY B 103 10.11 17.61 -12.08
N TYR B 104 9.61 16.42 -11.76
CA TYR B 104 8.20 16.09 -11.88
C TYR B 104 7.55 15.99 -10.51
N THR B 105 6.30 16.45 -10.42
CA THR B 105 5.50 16.35 -9.20
C THR B 105 4.29 15.49 -9.50
N PHE B 106 4.03 14.52 -8.64
CA PHE B 106 2.96 13.55 -8.85
C PHE B 106 1.77 13.86 -7.95
N GLY B 107 0.58 13.50 -8.44
CA GLY B 107 -0.62 13.52 -7.63
C GLY B 107 -0.72 12.30 -6.75
N SER B 108 -1.83 12.22 -6.01
CA SER B 108 -2.03 11.12 -5.09
C SER B 108 -2.41 9.82 -5.79
N GLY B 109 -2.89 9.90 -7.03
CA GLY B 109 -3.29 8.74 -7.78
C GLY B 109 -4.78 8.47 -7.68
N THR B 110 -5.27 7.68 -8.64
CA THR B 110 -6.67 7.24 -8.66
C THR B 110 -6.68 5.73 -8.78
N ARG B 111 -7.17 5.04 -7.75
CA ARG B 111 -7.38 3.61 -7.81
C ARG B 111 -8.69 3.34 -8.52
N LEU B 112 -8.61 2.65 -9.66
CA LEU B 112 -9.78 2.45 -10.52
C LEU B 112 -9.94 0.96 -10.80
N THR B 113 -11.13 0.43 -10.50
CA THR B 113 -11.44 -0.98 -10.69
C THR B 113 -12.62 -1.09 -11.66
N VAL B 114 -12.47 -1.94 -12.68
CA VAL B 114 -13.50 -2.17 -13.68
C VAL B 114 -14.00 -3.60 -13.54
N VAL B 115 -15.33 -3.77 -13.50
CA VAL B 115 -15.95 -5.08 -13.33
C VAL B 115 -17.05 -5.26 -14.37
N GLU B 116 -17.34 -6.51 -14.69
CA GLU B 116 -18.40 -6.82 -15.64
C GLU B 116 -19.77 -6.43 -15.09
N ASP B 117 -20.00 -6.71 -13.81
CA ASP B 117 -21.28 -6.41 -13.17
C ASP B 117 -21.03 -5.79 -11.81
N LEU B 118 -21.81 -4.76 -11.47
CA LEU B 118 -21.72 -4.15 -10.15
C LEU B 118 -22.11 -5.10 -9.04
N ASN B 119 -22.72 -6.25 -9.38
CA ASN B 119 -23.04 -7.28 -8.41
C ASN B 119 -21.81 -7.78 -7.67
N LYS B 120 -20.61 -7.56 -8.23
CA LYS B 120 -19.37 -7.98 -7.60
C LYS B 120 -18.89 -7.04 -6.50
N VAL B 121 -19.52 -5.88 -6.34
CA VAL B 121 -19.08 -4.89 -5.36
C VAL B 121 -19.69 -5.25 -4.01
N PHE B 122 -18.82 -5.36 -2.99
CA PHE B 122 -19.25 -5.75 -1.65
C PHE B 122 -18.58 -4.87 -0.60
N PRO B 123 -19.33 -4.41 0.39
CA PRO B 123 -18.72 -3.67 1.50
C PRO B 123 -18.06 -4.61 2.48
N PRO B 124 -17.14 -4.12 3.30
CA PRO B 124 -16.48 -4.99 4.27
C PRO B 124 -17.34 -5.28 5.48
N GLU B 125 -17.11 -6.46 6.05
CA GLU B 125 -17.64 -6.82 7.36
C GLU B 125 -16.50 -6.65 8.37
N VAL B 126 -16.72 -5.82 9.38
CA VAL B 126 -15.68 -5.43 10.32
C VAL B 126 -15.99 -6.05 11.68
N ALA B 127 -14.96 -6.64 12.28
CA ALA B 127 -15.08 -7.24 13.61
C ALA B 127 -13.78 -7.04 14.35
N VAL B 128 -13.86 -6.59 15.60
CA VAL B 128 -12.69 -6.45 16.46
C VAL B 128 -12.66 -7.65 17.40
N PHE B 129 -11.48 -8.25 17.53
CA PHE B 129 -11.28 -9.43 18.37
C PHE B 129 -10.44 -9.03 19.58
N GLU B 130 -10.89 -9.41 20.77
CA GLU B 130 -10.33 -8.92 22.02
C GLU B 130 -9.10 -9.72 22.43
N PRO B 131 -8.20 -9.10 23.21
CA PRO B 131 -6.94 -9.77 23.55
C PRO B 131 -7.14 -11.05 24.34
N SER B 132 -6.22 -11.99 24.16
CA SER B 132 -6.28 -13.25 24.86
C SER B 132 -5.72 -13.10 26.28
N GLU B 133 -6.32 -13.86 27.20
CA GLU B 133 -5.82 -13.88 28.57
C GLU B 133 -4.38 -14.39 28.63
N ALA B 134 -4.01 -15.29 27.72
CA ALA B 134 -2.66 -15.86 27.75
C ALA B 134 -1.62 -14.82 27.38
N GLU B 135 -1.92 -13.97 26.38
CA GLU B 135 -0.97 -12.91 26.02
C GLU B 135 -0.80 -11.93 27.16
N ILE B 136 -1.90 -11.51 27.79
CA ILE B 136 -1.83 -10.58 28.90
C ILE B 136 -1.00 -11.17 30.04
N SER B 137 -1.22 -12.46 30.34
CA SER B 137 -0.48 -13.08 31.43
C SER B 137 0.99 -13.26 31.09
N HIS B 138 1.31 -13.49 29.82
CA HIS B 138 2.69 -13.78 29.45
C HIS B 138 3.51 -12.52 29.20
N THR B 139 2.91 -11.49 28.60
CA THR B 139 3.67 -10.30 28.20
C THR B 139 3.20 -9.02 28.88
N GLN B 140 2.09 -9.05 29.61
CA GLN B 140 1.48 -7.84 30.20
C GLN B 140 1.15 -6.80 29.13
N LYS B 141 0.89 -7.26 27.91
CA LYS B 141 0.40 -6.42 26.84
C LYS B 141 -0.87 -7.04 26.27
N ALA B 142 -1.65 -6.23 25.57
CA ALA B 142 -2.94 -6.66 25.04
C ALA B 142 -3.08 -6.20 23.61
N THR B 143 -3.18 -7.16 22.68
CA THR B 143 -3.30 -6.87 21.26
C THR B 143 -4.76 -7.04 20.84
N LEU B 144 -5.34 -5.98 20.29
CA LEU B 144 -6.64 -6.07 19.62
C LEU B 144 -6.43 -6.28 18.13
N VAL B 145 -7.28 -7.09 17.53
CA VAL B 145 -7.20 -7.39 16.11
C VAL B 145 -8.52 -6.96 15.46
N CYS B 146 -8.42 -6.13 14.42
CA CYS B 146 -9.56 -5.75 13.62
C CYS B 146 -9.49 -6.48 12.28
N LEU B 147 -10.59 -7.11 11.91
CA LEU B 147 -10.64 -7.95 10.72
C LEU B 147 -11.76 -7.46 9.80
N ALA B 148 -11.39 -6.87 8.66
CA ALA B 148 -12.33 -6.50 7.62
C ALA B 148 -12.26 -7.54 6.51
N THR B 149 -13.39 -8.19 6.24
CA THR B 149 -13.42 -9.31 5.30
C THR B 149 -14.53 -9.13 4.28
N GLY B 150 -14.33 -9.75 3.11
CA GLY B 150 -15.38 -9.88 2.12
C GLY B 150 -15.67 -8.67 1.28
N PHE B 151 -14.77 -7.69 1.23
CA PHE B 151 -15.05 -6.47 0.49
C PHE B 151 -14.42 -6.50 -0.90
N PHE B 152 -15.10 -5.85 -1.83
CA PHE B 152 -14.59 -5.65 -3.18
C PHE B 152 -15.16 -4.35 -3.73
N PRO B 153 -14.29 -3.50 -4.33
CA PRO B 153 -12.86 -3.75 -4.52
C PRO B 153 -12.03 -3.41 -3.29
N ASP B 154 -10.71 -3.41 -3.45
CA ASP B 154 -9.79 -3.11 -2.34
C ASP B 154 -9.61 -1.60 -2.18
N HIS B 155 -10.73 -0.92 -2.01
CA HIS B 155 -10.76 0.53 -1.80
C HIS B 155 -11.21 0.78 -0.37
N VAL B 156 -10.26 0.67 0.57
CA VAL B 156 -10.57 0.74 1.99
C VAL B 156 -9.52 1.55 2.73
N GLU B 157 -9.93 2.16 3.83
CA GLU B 157 -9.04 2.91 4.72
C GLU B 157 -9.39 2.53 6.16
N LEU B 158 -8.47 1.82 6.82
CA LEU B 158 -8.69 1.35 8.18
C LEU B 158 -7.99 2.30 9.16
N SER B 159 -8.66 2.58 10.27
CA SER B 159 -8.09 3.43 11.30
C SER B 159 -8.58 2.97 12.68
N TRP B 160 -7.76 3.22 13.70
CA TRP B 160 -8.10 2.89 15.07
C TRP B 160 -8.38 4.17 15.85
N TRP B 161 -9.38 4.11 16.72
CA TRP B 161 -9.80 5.23 17.55
C TRP B 161 -9.94 4.76 18.98
N VAL B 162 -9.07 5.26 19.86
CA VAL B 162 -9.09 4.91 21.27
C VAL B 162 -9.74 6.07 22.03
N ASN B 163 -10.84 5.77 22.73
CA ASN B 163 -11.70 6.80 23.29
C ASN B 163 -12.13 7.74 22.17
N GLY B 164 -11.56 8.94 22.12
CA GLY B 164 -11.93 9.86 21.07
C GLY B 164 -10.87 10.08 20.01
N LYS B 165 -9.65 9.64 20.29
CA LYS B 165 -8.48 10.02 19.52
C LYS B 165 -8.09 8.94 18.52
N GLU B 166 -7.81 9.35 17.29
CA GLU B 166 -7.26 8.43 16.30
C GLU B 166 -5.80 8.17 16.62
N VAL B 167 -5.44 6.91 16.81
CA VAL B 167 -4.11 6.57 17.29
C VAL B 167 -3.30 5.93 16.17
N HIS B 168 -1.98 6.13 16.24
CA HIS B 168 -1.02 5.45 15.38
C HIS B 168 0.03 4.67 16.15
N SER B 169 0.34 5.08 17.38
CA SER B 169 1.28 4.35 18.21
C SER B 169 0.71 2.98 18.55
N GLY B 170 1.53 1.94 18.41
CA GLY B 170 1.09 0.59 18.71
C GLY B 170 0.19 -0.02 17.66
N VAL B 171 0.07 0.59 16.49
CA VAL B 171 -0.79 0.13 15.42
C VAL B 171 0.07 -0.28 14.23
N CYS B 172 -0.31 -1.38 13.59
CA CYS B 172 0.23 -1.69 12.27
C CYS B 172 -0.86 -2.40 11.48
N THR B 173 -1.04 -1.99 10.24
CA THR B 173 -2.03 -2.58 9.34
C THR B 173 -1.30 -3.26 8.19
N ASP B 174 -1.91 -4.33 7.68
CA ASP B 174 -1.35 -5.01 6.51
C ASP B 174 -1.17 -4.00 5.37
N PRO B 175 -0.01 -3.96 4.73
CA PRO B 175 0.17 -3.01 3.62
C PRO B 175 -0.73 -3.28 2.44
N GLN B 176 -1.14 -4.53 2.23
CA GLN B 176 -2.03 -4.90 1.15
C GLN B 176 -3.03 -5.93 1.65
N PRO B 177 -4.30 -5.80 1.29
CA PRO B 177 -5.27 -6.83 1.65
C PRO B 177 -5.08 -8.08 0.81
N LEU B 178 -5.42 -9.23 1.40
CA LEU B 178 -5.28 -10.50 0.72
C LEU B 178 -6.58 -10.90 0.04
N LYS B 179 -6.46 -11.80 -0.93
CA LYS B 179 -7.60 -12.30 -1.68
C LYS B 179 -8.20 -13.51 -0.98
N GLU B 180 -9.51 -13.48 -0.73
CA GLU B 180 -10.19 -14.63 -0.16
C GLU B 180 -10.30 -15.78 -1.17
N GLN B 181 -10.16 -15.50 -2.46
CA GLN B 181 -10.15 -16.52 -3.50
C GLN B 181 -9.06 -16.13 -4.49
N PRO B 182 -7.80 -16.48 -4.18
CA PRO B 182 -6.66 -15.86 -4.88
C PRO B 182 -6.55 -16.17 -6.36
N ALA B 183 -7.33 -17.11 -6.89
CA ALA B 183 -7.27 -17.45 -8.30
C ALA B 183 -8.22 -16.62 -9.15
N LEU B 184 -9.00 -15.73 -8.56
CA LEU B 184 -10.04 -14.98 -9.26
C LEU B 184 -9.63 -13.53 -9.45
N ASN B 185 -9.99 -12.97 -10.60
CA ASN B 185 -9.80 -11.54 -10.82
C ASN B 185 -10.70 -10.72 -9.91
N ASP B 186 -11.96 -11.13 -9.78
CA ASP B 186 -12.95 -10.42 -8.96
C ASP B 186 -13.03 -10.96 -7.54
N SER B 187 -11.91 -11.42 -6.98
CA SER B 187 -11.91 -11.98 -5.64
C SER B 187 -12.24 -10.91 -4.60
N ARG B 188 -13.00 -11.29 -3.58
CA ARG B 188 -13.22 -10.41 -2.45
C ARG B 188 -12.01 -10.44 -1.53
N TYR B 189 -11.77 -9.33 -0.85
CA TYR B 189 -10.53 -9.12 -0.11
C TYR B 189 -10.76 -9.21 1.39
N ALA B 190 -9.65 -9.33 2.11
CA ALA B 190 -9.64 -9.31 3.57
C ALA B 190 -8.47 -8.44 4.02
N LEU B 191 -8.70 -7.64 5.05
CA LEU B 191 -7.66 -6.79 5.62
C LEU B 191 -7.72 -6.86 7.14
N SER B 192 -6.56 -6.95 7.77
CA SER B 192 -6.48 -6.98 9.22
C SER B 192 -5.55 -5.87 9.72
N SER B 193 -5.71 -5.53 10.99
CA SER B 193 -4.89 -4.53 11.64
C SER B 193 -4.84 -4.85 13.13
N ARG B 194 -3.73 -4.51 13.76
CA ARG B 194 -3.52 -4.78 15.17
C ARG B 194 -3.31 -3.49 15.94
N LEU B 195 -3.80 -3.48 17.18
CA LEU B 195 -3.57 -2.39 18.13
C LEU B 195 -3.16 -3.01 19.45
N ARG B 196 -1.92 -2.77 19.86
CA ARG B 196 -1.38 -3.33 21.10
C ARG B 196 -1.25 -2.22 22.14
N VAL B 197 -1.80 -2.47 23.33
CA VAL B 197 -1.72 -1.54 24.44
C VAL B 197 -1.23 -2.29 25.67
N SER B 198 -0.95 -1.55 26.73
CA SER B 198 -0.60 -2.16 28.00
C SER B 198 -1.78 -2.98 28.52
N ALA B 199 -1.47 -4.02 29.31
CA ALA B 199 -2.52 -4.80 29.94
C ALA B 199 -3.33 -3.94 30.91
N THR B 200 -2.68 -3.01 31.61
CA THR B 200 -3.39 -2.15 32.54
C THR B 200 -4.33 -1.20 31.83
N PHE B 201 -3.95 -0.75 30.63
CA PHE B 201 -4.84 0.11 29.85
C PHE B 201 -6.04 -0.67 29.34
N TRP B 202 -5.83 -1.92 28.94
CA TRP B 202 -6.95 -2.74 28.49
C TRP B 202 -7.84 -3.18 29.64
N GLN B 203 -7.28 -3.32 30.85
CA GLN B 203 -8.08 -3.74 31.99
C GLN B 203 -8.91 -2.61 32.59
N ASN B 204 -8.90 -1.42 31.98
CA ASN B 204 -9.74 -0.34 32.42
C ASN B 204 -11.07 -0.42 31.66
N PRO B 205 -12.19 -0.71 32.32
CA PRO B 205 -13.47 -0.84 31.60
C PRO B 205 -13.96 0.47 31.00
N ARG B 206 -13.37 1.61 31.36
CA ARG B 206 -13.80 2.88 30.81
C ARG B 206 -13.16 3.20 29.47
N ASN B 207 -12.13 2.45 29.06
CA ASN B 207 -11.47 2.70 27.79
C ASN B 207 -12.26 2.08 26.65
N HIS B 208 -12.51 2.89 25.62
CA HIS B 208 -13.33 2.49 24.47
C HIS B 208 -12.43 2.37 23.25
N PHE B 209 -12.47 1.21 22.61
CA PHE B 209 -11.68 0.93 21.42
C PHE B 209 -12.61 0.83 20.21
N ARG B 210 -12.25 1.51 19.12
CA ARG B 210 -13.08 1.54 17.93
C ARG B 210 -12.20 1.37 16.70
N CYS B 211 -12.51 0.35 15.91
CA CYS B 211 -11.90 0.17 14.60
C CYS B 211 -12.94 0.42 13.53
N GLN B 212 -12.60 1.25 12.56
CA GLN B 212 -13.51 1.56 11.47
C GLN B 212 -12.77 1.42 10.15
N VAL B 213 -13.51 0.98 9.13
CA VAL B 213 -13.00 0.84 7.78
C VAL B 213 -13.85 1.70 6.87
N GLN B 214 -13.23 2.69 6.24
CA GLN B 214 -13.91 3.51 5.25
C GLN B 214 -13.84 2.81 3.90
N PHE B 215 -15.00 2.46 3.35
CA PHE B 215 -15.11 1.73 2.10
C PHE B 215 -15.60 2.67 1.01
N TYR B 216 -14.92 2.67 -0.13
CA TYR B 216 -15.29 3.49 -1.28
C TYR B 216 -16.00 2.60 -2.29
N GLY B 217 -17.31 2.79 -2.43
CA GLY B 217 -18.10 1.93 -3.29
C GLY B 217 -18.87 2.70 -4.35
N LEU B 218 -20.16 2.39 -4.46
CA LEU B 218 -20.97 2.97 -5.52
C LEU B 218 -21.46 4.37 -5.14
N SER B 219 -21.81 5.13 -6.16
CA SER B 219 -22.45 6.42 -5.97
C SER B 219 -23.96 6.24 -5.85
N GLU B 220 -24.63 7.27 -5.31
CA GLU B 220 -26.07 7.22 -5.16
C GLU B 220 -26.80 7.35 -6.49
N ASN B 221 -26.09 7.63 -7.58
CA ASN B 221 -26.70 7.69 -8.90
C ASN B 221 -26.68 6.36 -9.64
N ASP B 222 -25.79 5.45 -9.27
CA ASP B 222 -25.75 4.14 -9.90
C ASP B 222 -27.01 3.35 -9.55
N GLU B 223 -27.49 2.57 -10.51
CA GLU B 223 -28.67 1.75 -10.28
C GLU B 223 -28.29 0.48 -9.53
N TRP B 224 -29.25 -0.04 -8.76
CA TRP B 224 -29.03 -1.22 -7.95
C TRP B 224 -30.29 -2.07 -7.98
N THR B 225 -30.19 -3.27 -8.56
CA THR B 225 -31.31 -4.18 -8.68
C THR B 225 -31.13 -5.45 -7.86
N GLN B 226 -30.19 -5.45 -6.92
CA GLN B 226 -29.96 -6.61 -6.06
C GLN B 226 -30.82 -6.52 -4.80
N ASP B 227 -30.94 -7.65 -4.11
CA ASP B 227 -31.74 -7.69 -2.89
C ASP B 227 -31.05 -6.99 -1.74
N ARG B 228 -29.73 -7.17 -1.62
CA ARG B 228 -28.99 -6.56 -0.52
C ARG B 228 -28.90 -5.05 -0.70
N ALA B 229 -28.45 -4.38 0.35
CA ALA B 229 -28.31 -2.93 0.32
C ALA B 229 -27.25 -2.51 -0.69
N LYS B 230 -27.47 -1.38 -1.33
CA LYS B 230 -26.52 -0.85 -2.31
C LYS B 230 -25.20 -0.56 -1.62
N PRO B 231 -24.08 -1.17 -2.06
CA PRO B 231 -22.77 -0.94 -1.40
C PRO B 231 -22.17 0.42 -1.75
N VAL B 232 -22.79 1.47 -1.24
CA VAL B 232 -22.32 2.83 -1.44
C VAL B 232 -21.09 3.07 -0.56
N THR B 233 -20.42 4.21 -0.75
CA THR B 233 -19.34 4.60 0.13
C THR B 233 -19.87 4.74 1.55
N GLN B 234 -19.17 4.15 2.51
CA GLN B 234 -19.70 4.03 3.86
C GLN B 234 -18.54 3.76 4.82
N ILE B 235 -18.86 3.83 6.11
CA ILE B 235 -17.95 3.46 7.18
C ILE B 235 -18.55 2.31 7.94
N VAL B 236 -17.84 1.19 8.00
CA VAL B 236 -18.22 0.06 8.84
C VAL B 236 -17.25 0.01 10.01
N SER B 237 -17.79 -0.11 11.23
CA SER B 237 -16.99 -0.02 12.43
C SER B 237 -17.31 -1.17 13.37
N ALA B 238 -16.38 -1.41 14.29
CA ALA B 238 -16.54 -2.39 15.36
C ALA B 238 -15.89 -1.84 16.62
N GLU B 239 -16.47 -2.16 17.77
CA GLU B 239 -16.08 -1.54 19.02
C GLU B 239 -15.78 -2.60 20.07
N ALA B 240 -15.02 -2.18 21.09
CA ALA B 240 -14.71 -3.02 22.23
C ALA B 240 -14.41 -2.12 23.42
N TRP B 241 -14.81 -2.56 24.61
CA TRP B 241 -14.50 -1.88 25.86
C TRP B 241 -13.52 -2.71 26.67
N GLY B 242 -12.79 -2.04 27.56
CA GLY B 242 -11.85 -2.73 28.42
C GLY B 242 -12.55 -3.71 29.35
N ARG B 243 -11.78 -4.70 29.79
CA ARG B 243 -12.29 -5.78 30.62
C ARG B 243 -11.35 -5.97 31.80
N ALA B 244 -11.88 -5.87 33.01
CA ALA B 244 -11.07 -6.07 34.21
C ALA B 244 -10.99 -7.55 34.57
S SO4 C . 7.75 11.55 22.12
O1 SO4 C . 7.73 12.79 22.87
O2 SO4 C . 8.44 11.76 20.85
O3 SO4 C . 8.44 10.52 22.88
O4 SO4 C . 6.38 11.12 21.84
S SO4 D . 1.09 6.48 23.26
O1 SO4 D . 1.00 6.91 24.66
O2 SO4 D . 1.72 7.52 22.47
O3 SO4 D . -0.26 6.23 22.77
O4 SO4 D . 1.87 5.26 23.18
O1 P6G E . 23.53 -3.97 -4.77
C2 P6G E . 22.61 -3.79 -3.73
C3 P6G E . 23.00 -4.63 -2.52
O4 P6G E . 22.16 -4.34 -1.44
C5 P6G E . 22.84 -4.23 -0.23
C6 P6G E . 23.73 -2.98 -0.27
O7 P6G E . 24.17 -2.65 1.02
S SO4 F . -0.36 2.22 26.72
O1 SO4 F . -0.59 3.38 25.84
O2 SO4 F . -0.15 2.68 28.08
O3 SO4 F . 0.83 1.50 26.26
O4 SO4 F . -1.51 1.34 26.66
#